data_8YHZ
#
_entry.id   8YHZ
#
_cell.length_a   78.965
_cell.length_b   78.965
_cell.length_c   147.048
_cell.angle_alpha   90.00
_cell.angle_beta   90.00
_cell.angle_gamma   90.00
#
_symmetry.space_group_name_H-M   'P 41 21 2'
#
loop_
_entity.id
_entity.type
_entity.pdbx_description
1 polymer 'Light chain of 1080 Fab'
2 polymer 'Heavy chain of 1080 Fab'
3 polymer 'Sodium channel protein type 9 subunit alpha'
4 water water
#
loop_
_entity_poly.entity_id
_entity_poly.type
_entity_poly.pdbx_seq_one_letter_code
_entity_poly.pdbx_strand_id
1 'polypeptide(L)'
;QVLTQTASPVSAAVGNTVTITCQSSQSVWKNNDLSWYQQKLGQPPKLLIYYASTLASGVSSRFKASGSGTQFTLTISDVQ
CDDAGTYYCVGSYDCSSADCNAFGGGTKVVVKRTVAAPSVFIFPPSDEQLKSGTASVVCLLNNFYPREAKVQWKVDNALQ
SGNSQESVTEQDSKDSTYSLSSTLTLSKADYEKHKVYACEVTHQGLSSPVTKSFNRGE
;
L
2 'polypeptide(L)'
;QSEEESGGRLVTPETPLTLTCTASGIDLSKWPMTWVRQAPGKGLEWIGIIGRSGSTNYASWAKGRFTISKTSTTVDLKMT
SPTTEDTATYFCARGGSYYDLWGQGTLVTVSSASTKGPSVFPLAPSSKSTSGGTAALGCLVKDYFPEPVTVSWNSGALTS
GVHTFPAVLQSSGLYSLSSVVTVPSSSLGTQTYICNVNHKPSNTKVDKKVEPKS
;
H
3 'polypeptide(L)' EHHPMTEEFKN P
#
# COMPACT_ATOMS: atom_id res chain seq x y z
N GLN A 1 -16.61 -18.98 3.62
CA GLN A 1 -17.28 -18.66 2.36
C GLN A 1 -16.32 -18.02 1.41
N VAL A 2 -16.60 -18.16 0.14
CA VAL A 2 -15.79 -17.57 -0.90
C VAL A 2 -16.70 -16.64 -1.68
N LEU A 3 -16.31 -15.37 -1.76
CA LEU A 3 -16.98 -14.42 -2.62
C LEU A 3 -16.04 -14.14 -3.79
N THR A 4 -16.49 -14.45 -5.00
CA THR A 4 -15.69 -14.32 -6.20
C THR A 4 -16.07 -13.01 -6.89
N GLN A 5 -15.10 -12.11 -7.06
CA GLN A 5 -15.35 -10.83 -7.72
C GLN A 5 -14.83 -10.83 -9.14
N THR A 6 -15.33 -9.88 -9.94
CA THR A 6 -14.79 -9.60 -11.26
C THR A 6 -13.28 -9.59 -11.24
N ALA A 7 -12.67 -10.24 -12.23
CA ALA A 7 -11.21 -10.23 -12.35
C ALA A 7 -10.69 -8.82 -12.58
N SER A 8 -9.53 -8.52 -11.99
CA SER A 8 -8.90 -7.22 -12.23
C SER A 8 -8.15 -7.20 -13.56
N PRO A 9 -8.01 -6.02 -14.18
CA PRO A 9 -8.60 -4.75 -13.80
C PRO A 9 -9.93 -4.53 -14.51
N VAL A 10 -10.82 -3.75 -13.92
CA VAL A 10 -11.91 -3.16 -14.69
C VAL A 10 -11.48 -1.73 -15.01
N SER A 11 -11.66 -1.33 -16.27
CA SER A 11 -11.08 -0.10 -16.78
C SER A 11 -12.17 0.81 -17.31
N ALA A 12 -12.06 2.11 -17.04
CA ALA A 12 -12.98 3.02 -17.72
C ALA A 12 -12.39 4.41 -17.83
N ALA A 13 -12.74 5.09 -18.92
CA ALA A 13 -12.41 6.50 -19.08
C ALA A 13 -13.26 7.36 -18.14
N VAL A 14 -12.75 8.56 -17.86
CA VAL A 14 -13.48 9.51 -17.03
C VAL A 14 -14.84 9.81 -17.66
N GLY A 15 -15.88 9.80 -16.84
CA GLY A 15 -17.24 10.03 -17.32
C GLY A 15 -17.95 8.80 -17.80
N ASN A 16 -17.25 7.67 -17.90
CA ASN A 16 -17.82 6.40 -18.32
C ASN A 16 -18.31 5.62 -17.09
N THR A 17 -18.70 4.36 -17.28
CA THR A 17 -19.29 3.56 -16.22
C THR A 17 -18.56 2.22 -16.12
N VAL A 18 -18.37 1.72 -14.90
CA VAL A 18 -17.91 0.35 -14.70
C VAL A 18 -18.84 -0.37 -13.74
N THR A 19 -18.88 -1.69 -13.87
CA THR A 19 -19.56 -2.54 -12.90
C THR A 19 -18.60 -3.60 -12.39
N ILE A 20 -18.83 -3.99 -11.15
CA ILE A 20 -18.07 -5.03 -10.49
C ILE A 20 -19.06 -6.03 -9.91
N THR A 21 -18.87 -7.31 -10.21
CA THR A 21 -19.76 -8.35 -9.74
C THR A 21 -19.13 -9.10 -8.56
N CYS A 22 -20.00 -9.58 -7.67
CA CYS A 22 -19.60 -10.32 -6.47
C CYS A 22 -20.55 -11.50 -6.33
N GLN A 23 -20.02 -12.73 -6.46
CA GLN A 23 -20.81 -13.95 -6.30
C GLN A 23 -20.41 -14.67 -5.02
N SER A 24 -21.36 -14.90 -4.15
CA SER A 24 -21.11 -15.62 -2.90
C SER A 24 -21.33 -17.12 -3.10
N SER A 25 -20.44 -17.93 -2.52
CA SER A 25 -20.60 -19.39 -2.58
C SER A 25 -21.85 -19.87 -1.86
N GLN A 26 -22.38 -19.08 -0.94
CA GLN A 26 -23.66 -19.38 -0.31
C GLN A 26 -24.43 -18.07 -0.11
N SER A 27 -25.75 -18.22 0.00
CA SER A 27 -26.58 -17.03 0.12
C SER A 27 -26.24 -16.28 1.40
N VAL A 28 -26.21 -14.95 1.32
CA VAL A 28 -25.88 -14.13 2.48
C VAL A 28 -27.06 -14.08 3.45
N TRP A 29 -26.77 -13.63 4.66
CA TRP A 29 -27.79 -13.52 5.70
C TRP A 29 -28.95 -12.67 5.21
N LYS A 30 -30.16 -13.22 5.32
CA LYS A 30 -31.41 -12.56 4.91
C LYS A 30 -31.40 -12.14 3.45
N ASN A 31 -30.54 -12.76 2.65
CA ASN A 31 -30.39 -12.56 1.21
C ASN A 31 -29.87 -11.19 0.82
N ASN A 32 -29.63 -10.26 1.76
CA ASN A 32 -29.12 -8.96 1.35
C ASN A 32 -28.06 -8.38 2.27
N ASP A 33 -27.48 -9.15 3.19
CA ASP A 33 -26.46 -8.59 4.09
C ASP A 33 -25.11 -8.69 3.38
N LEU A 34 -24.88 -7.70 2.52
CA LEU A 34 -23.73 -7.64 1.63
C LEU A 34 -23.31 -6.18 1.51
N SER A 35 -22.03 -5.90 1.74
CA SER A 35 -21.55 -4.51 1.69
C SER A 35 -20.36 -4.36 0.76
N TRP A 36 -20.13 -3.12 0.31
CA TRP A 36 -19.07 -2.78 -0.64
C TRP A 36 -18.20 -1.68 -0.07
N TYR A 37 -16.89 -1.76 -0.39
CA TYR A 37 -15.83 -0.92 0.16
C TYR A 37 -14.87 -0.51 -0.95
N GLN A 38 -14.31 0.68 -0.80
CA GLN A 38 -13.22 1.19 -1.61
C GLN A 38 -11.96 1.30 -0.75
N GLN A 39 -10.83 0.88 -1.30
CA GLN A 39 -9.56 0.99 -0.59
C GLN A 39 -8.48 1.52 -1.52
N LYS A 40 -7.72 2.47 -1.03
CA LYS A 40 -6.53 2.95 -1.70
C LYS A 40 -5.32 2.50 -0.90
N LEU A 41 -4.19 2.31 -1.57
CA LEU A 41 -3.01 1.75 -0.90
C LEU A 41 -2.62 2.62 0.28
N GLY A 42 -2.34 1.97 1.42
CA GLY A 42 -1.94 2.66 2.63
C GLY A 42 -3.07 3.20 3.48
N GLN A 43 -4.31 3.10 3.02
CA GLN A 43 -5.48 3.61 3.74
C GLN A 43 -6.39 2.47 4.17
N PRO A 44 -7.20 2.67 5.21
CA PRO A 44 -8.21 1.68 5.52
C PRO A 44 -9.33 1.72 4.49
N PRO A 45 -10.07 0.64 4.36
CA PRO A 45 -11.22 0.64 3.44
C PRO A 45 -12.28 1.65 3.87
N LYS A 46 -13.05 2.12 2.89
CA LYS A 46 -14.13 3.06 3.11
C LYS A 46 -15.44 2.41 2.68
N LEU A 47 -16.44 2.44 3.56
CA LEU A 47 -17.74 1.85 3.26
C LEU A 47 -18.45 2.63 2.15
N LEU A 48 -18.96 1.92 1.14
CA LEU A 48 -19.73 2.53 0.07
C LEU A 48 -21.20 2.16 0.16
N ILE A 49 -21.48 0.88 0.36
CA ILE A 49 -22.83 0.34 0.22
C ILE A 49 -23.03 -0.67 1.34
N TYR A 50 -24.21 -0.68 1.96
CA TYR A 50 -24.54 -1.76 2.88
C TYR A 50 -25.95 -2.27 2.59
N TYR A 51 -26.24 -3.48 3.07
CA TYR A 51 -27.52 -4.17 2.80
C TYR A 51 -27.81 -4.22 1.29
N ALA A 52 -26.75 -4.44 0.52
CA ALA A 52 -26.67 -4.70 -0.92
C ALA A 52 -26.99 -3.51 -1.81
N SER A 53 -27.74 -2.52 -1.31
CA SER A 53 -28.10 -1.39 -2.15
C SER A 53 -28.15 -0.03 -1.45
N THR A 54 -27.86 0.06 -0.16
CA THR A 54 -28.03 1.31 0.57
C THR A 54 -26.73 2.10 0.54
N LEU A 55 -26.81 3.33 0.03
CA LEU A 55 -25.65 4.21 -0.07
C LEU A 55 -25.24 4.67 1.32
N ALA A 56 -23.96 4.54 1.63
CA ALA A 56 -23.45 4.98 2.92
C ALA A 56 -23.43 6.51 3.00
N SER A 57 -23.52 7.01 4.23
CA SER A 57 -23.58 8.45 4.45
C SER A 57 -22.37 9.13 3.83
N GLY A 58 -22.61 10.21 3.09
CA GLY A 58 -21.55 11.00 2.51
C GLY A 58 -20.90 10.44 1.27
N VAL A 59 -21.34 9.30 0.78
CA VAL A 59 -20.75 8.71 -0.41
C VAL A 59 -21.49 9.25 -1.62
N SER A 60 -20.73 9.50 -2.69
CA SER A 60 -21.31 10.04 -3.92
C SER A 60 -22.40 9.13 -4.48
N SER A 61 -23.48 9.76 -4.98
CA SER A 61 -24.55 9.04 -5.64
C SER A 61 -24.13 8.43 -6.97
N ARG A 62 -22.90 8.67 -7.42
CA ARG A 62 -22.33 7.95 -8.55
C ARG A 62 -22.23 6.46 -8.29
N PHE A 63 -22.18 6.06 -7.02
CA PHE A 63 -22.11 4.65 -6.62
C PHE A 63 -23.52 4.12 -6.39
N LYS A 64 -23.84 3.00 -7.04
CA LYS A 64 -25.10 2.32 -6.77
C LYS A 64 -24.83 0.82 -6.79
N ALA A 65 -25.72 0.05 -6.18
CA ALA A 65 -25.47 -1.38 -6.13
C ALA A 65 -26.79 -2.10 -5.96
N SER A 66 -26.80 -3.37 -6.35
CA SER A 66 -28.01 -4.17 -6.24
C SER A 66 -27.64 -5.64 -6.15
N GLY A 67 -28.64 -6.46 -5.85
CA GLY A 67 -28.42 -7.88 -5.84
C GLY A 67 -29.14 -8.55 -4.70
N SER A 68 -29.15 -9.88 -4.74
CA SER A 68 -29.85 -10.66 -3.73
C SER A 68 -29.30 -12.08 -3.73
N GLY A 69 -29.30 -12.70 -2.55
CA GLY A 69 -28.99 -14.11 -2.46
C GLY A 69 -27.50 -14.36 -2.57
N THR A 70 -27.07 -14.79 -3.74
CA THR A 70 -25.65 -15.00 -4.04
C THR A 70 -25.09 -14.03 -5.07
N GLN A 71 -25.91 -13.17 -5.69
CA GLN A 71 -25.46 -12.41 -6.85
C GLN A 71 -25.58 -10.92 -6.57
N PHE A 72 -24.45 -10.18 -6.67
CA PHE A 72 -24.46 -8.76 -6.35
C PHE A 72 -23.60 -7.98 -7.34
N THR A 73 -23.99 -6.72 -7.60
CA THR A 73 -23.20 -5.86 -8.49
C THR A 73 -23.09 -4.47 -7.88
N LEU A 74 -21.92 -3.85 -8.06
CA LEU A 74 -21.66 -2.46 -7.76
C LEU A 74 -21.43 -1.73 -9.08
N THR A 75 -22.11 -0.61 -9.27
CA THR A 75 -21.94 0.22 -10.47
C THR A 75 -21.38 1.57 -10.07
N ILE A 76 -20.28 1.97 -10.72
CA ILE A 76 -19.70 3.30 -10.58
C ILE A 76 -19.98 4.06 -11.87
N SER A 77 -20.85 5.07 -11.79
CA SER A 77 -21.19 5.89 -12.94
C SER A 77 -20.36 7.17 -12.93
N ASP A 78 -20.22 7.77 -14.11
CA ASP A 78 -19.48 9.03 -14.29
C ASP A 78 -18.11 8.97 -13.61
N VAL A 79 -17.32 7.98 -14.04
CA VAL A 79 -16.08 7.63 -13.35
C VAL A 79 -15.18 8.87 -13.29
N GLN A 80 -14.52 9.05 -12.15
CA GLN A 80 -13.62 10.17 -11.92
C GLN A 80 -12.23 9.64 -11.58
N CYS A 81 -11.20 10.49 -11.73
CA CYS A 81 -9.83 10.03 -11.50
C CYS A 81 -9.65 9.39 -10.14
N ASP A 82 -10.31 9.92 -9.12
CA ASP A 82 -10.08 9.38 -7.78
C ASP A 82 -10.87 8.10 -7.50
N ASP A 83 -11.54 7.54 -8.50
CA ASP A 83 -12.12 6.21 -8.35
C ASP A 83 -11.08 5.10 -8.51
N ALA A 84 -9.89 5.42 -8.99
CA ALA A 84 -8.84 4.41 -9.08
C ALA A 84 -8.58 3.80 -7.70
N GLY A 85 -8.56 2.49 -7.64
CA GLY A 85 -8.45 1.86 -6.33
C GLY A 85 -8.96 0.44 -6.39
N THR A 86 -9.10 -0.18 -5.21
CA THR A 86 -9.54 -1.58 -5.17
C THR A 86 -10.87 -1.65 -4.41
N TYR A 87 -11.80 -2.42 -4.94
CA TYR A 87 -13.14 -2.50 -4.38
C TYR A 87 -13.40 -3.91 -3.88
N TYR A 88 -13.97 -4.01 -2.69
CA TYR A 88 -14.24 -5.28 -2.03
C TYR A 88 -15.71 -5.41 -1.68
N CYS A 89 -16.24 -6.63 -1.80
CA CYS A 89 -17.51 -6.95 -1.19
C CYS A 89 -17.28 -7.75 0.09
N VAL A 90 -18.19 -7.62 1.04
CA VAL A 90 -18.16 -8.37 2.30
C VAL A 90 -19.51 -9.05 2.45
N GLY A 91 -19.48 -10.38 2.56
CA GLY A 91 -20.68 -11.12 2.88
C GLY A 91 -20.81 -11.28 4.38
N SER A 92 -22.06 -11.23 4.84
CA SER A 92 -22.46 -11.51 6.21
C SER A 92 -23.37 -12.72 6.19
N TYR A 93 -23.07 -13.70 7.06
CA TYR A 93 -23.68 -15.02 6.99
C TYR A 93 -24.23 -15.43 8.36
N ASP A 94 -24.93 -16.55 8.37
CA ASP A 94 -25.46 -17.11 9.62
C ASP A 94 -24.33 -17.70 10.45
N CYS A 95 -23.98 -17.03 11.56
CA CYS A 95 -22.88 -17.48 12.42
C CYS A 95 -23.10 -18.91 12.94
N SER A 96 -24.35 -19.35 13.02
CA SER A 96 -24.60 -20.65 13.64
C SER A 96 -24.21 -21.81 12.74
N SER A 97 -24.06 -21.58 11.43
CA SER A 97 -23.75 -22.66 10.50
C SER A 97 -22.66 -22.29 9.52
N ALA A 98 -21.96 -21.19 9.74
CA ALA A 98 -20.95 -20.73 8.80
C ALA A 98 -20.08 -19.71 9.54
N ASP A 99 -19.00 -19.29 8.88
CA ASP A 99 -18.28 -18.11 9.34
C ASP A 99 -19.21 -16.90 9.30
N CYS A 100 -19.08 -15.99 10.27
CA CYS A 100 -19.99 -14.86 10.33
C CYS A 100 -19.86 -13.94 9.13
N ASN A 101 -18.65 -13.77 8.61
CA ASN A 101 -18.39 -12.80 7.56
C ASN A 101 -17.27 -13.32 6.67
N ALA A 102 -17.20 -12.79 5.45
CA ALA A 102 -16.04 -13.05 4.59
C ALA A 102 -15.87 -11.91 3.60
N PHE A 103 -14.64 -11.70 3.13
CA PHE A 103 -14.33 -10.70 2.11
C PHE A 103 -14.17 -11.37 0.74
N GLY A 104 -14.71 -10.71 -0.29
CA GLY A 104 -14.31 -11.03 -1.65
C GLY A 104 -12.85 -10.69 -1.91
N GLY A 105 -12.38 -11.11 -3.07
CA GLY A 105 -10.95 -11.02 -3.35
C GLY A 105 -10.45 -9.66 -3.74
N GLY A 106 -11.37 -8.72 -4.00
CA GLY A 106 -11.03 -7.39 -4.45
C GLY A 106 -10.90 -7.27 -5.96
N THR A 107 -11.33 -6.13 -6.51
CA THR A 107 -11.28 -5.82 -7.93
C THR A 107 -10.67 -4.43 -8.09
N LYS A 108 -9.57 -4.33 -8.84
CA LYS A 108 -8.93 -3.05 -9.08
C LYS A 108 -9.62 -2.32 -10.21
N VAL A 109 -9.89 -1.04 -10.01
CA VAL A 109 -10.42 -0.15 -11.04
C VAL A 109 -9.26 0.71 -11.53
N VAL A 110 -9.06 0.72 -12.84
CA VAL A 110 -8.04 1.51 -13.52
C VAL A 110 -8.76 2.56 -14.36
N VAL A 111 -8.40 3.81 -14.15
CA VAL A 111 -8.99 4.91 -14.91
C VAL A 111 -8.19 5.11 -16.18
N LYS A 112 -8.86 5.01 -17.32
CA LYS A 112 -8.19 5.18 -18.60
C LYS A 112 -7.85 6.65 -18.84
N ARG A 113 -6.79 6.85 -19.62
CA ARG A 113 -6.40 8.20 -20.04
C ARG A 113 -5.55 8.11 -21.28
N THR A 114 -5.17 9.27 -21.80
CA THR A 114 -4.29 9.30 -22.96
C THR A 114 -2.92 8.73 -22.60
N VAL A 115 -2.28 8.13 -23.60
CA VAL A 115 -0.91 7.63 -23.44
C VAL A 115 0.00 8.78 -23.05
N ALA A 116 0.86 8.56 -22.05
CA ALA A 116 1.83 9.54 -21.58
C ALA A 116 3.19 8.90 -21.43
N ALA A 117 4.22 9.44 -22.13
CA ALA A 117 5.56 8.86 -22.03
C ALA A 117 6.21 9.24 -20.70
N PRO A 118 7.07 8.39 -20.15
CA PRO A 118 7.73 8.72 -18.89
C PRO A 118 8.78 9.80 -19.08
N SER A 119 8.92 10.65 -18.07
CA SER A 119 10.12 11.48 -17.93
C SER A 119 11.17 10.70 -17.15
N VAL A 120 12.38 10.63 -17.68
CA VAL A 120 13.41 9.70 -17.18
C VAL A 120 14.54 10.48 -16.52
N PHE A 121 14.93 10.03 -15.33
CA PHE A 121 16.05 10.60 -14.58
C PHE A 121 16.95 9.47 -14.07
N ILE A 122 18.27 9.68 -14.09
CA ILE A 122 19.22 8.72 -13.54
C ILE A 122 20.02 9.39 -12.44
N PHE A 123 20.30 8.63 -11.37
CA PHE A 123 20.94 9.15 -10.16
C PHE A 123 22.12 8.24 -9.87
N PRO A 124 23.34 8.76 -9.86
CA PRO A 124 24.49 7.96 -9.45
C PRO A 124 24.45 7.70 -7.96
N PRO A 125 25.20 6.73 -7.47
CA PRO A 125 25.28 6.52 -6.02
C PRO A 125 25.99 7.68 -5.35
N SER A 126 25.58 7.95 -4.12
CA SER A 126 26.21 9.00 -3.35
C SER A 126 27.57 8.55 -2.82
N ASP A 127 28.46 9.51 -2.56
CA ASP A 127 29.76 9.14 -1.97
C ASP A 127 29.58 8.48 -0.60
N GLU A 128 28.61 8.97 0.17
CA GLU A 128 28.34 8.41 1.52
C GLU A 128 28.05 6.92 1.43
N GLN A 129 27.23 6.52 0.48
CA GLN A 129 26.92 5.09 0.31
C GLN A 129 28.16 4.30 -0.10
N LEU A 130 28.95 4.86 -1.01
CA LEU A 130 30.11 4.14 -1.52
C LEU A 130 31.06 3.80 -0.39
N LYS A 131 31.18 4.69 0.61
CA LYS A 131 31.94 4.35 1.80
C LYS A 131 31.48 3.04 2.44
N SER A 132 30.23 2.62 2.23
CA SER A 132 29.68 1.44 2.89
C SER A 132 29.95 0.13 2.15
N GLY A 133 30.56 0.18 0.96
CA GLY A 133 30.83 -1.03 0.20
C GLY A 133 29.79 -1.42 -0.83
N THR A 134 28.70 -0.66 -0.96
CA THR A 134 27.67 -0.93 -1.94
C THR A 134 27.41 0.33 -2.75
N ALA A 135 26.88 0.15 -3.96
CA ALA A 135 26.50 1.23 -4.85
C ALA A 135 25.10 0.99 -5.36
N SER A 136 24.22 1.97 -5.19
CA SER A 136 22.87 1.93 -5.72
C SER A 136 22.78 3.00 -6.81
N VAL A 137 22.39 2.59 -8.01
CA VAL A 137 22.12 3.49 -9.12
C VAL A 137 20.62 3.48 -9.36
N VAL A 138 20.00 4.66 -9.41
CA VAL A 138 18.55 4.74 -9.45
C VAL A 138 18.09 5.35 -10.76
N CYS A 139 17.08 4.74 -11.37
CA CYS A 139 16.46 5.27 -12.58
C CYS A 139 14.98 5.50 -12.31
N LEU A 140 14.54 6.71 -12.54
CA LEU A 140 13.17 7.14 -12.25
C LEU A 140 12.44 7.38 -13.55
N LEU A 141 11.28 6.73 -13.70
CA LEU A 141 10.37 6.93 -14.82
C LEU A 141 9.16 7.60 -14.22
N ASN A 142 8.90 8.86 -14.56
CA ASN A 142 7.88 9.62 -13.87
C ASN A 142 6.64 9.89 -14.74
N ASN A 143 5.46 9.70 -14.13
CA ASN A 143 4.18 10.14 -14.68
C ASN A 143 3.91 9.63 -16.10
N PHE A 144 3.79 8.31 -16.23
CA PHE A 144 3.53 7.69 -17.52
C PHE A 144 2.24 6.90 -17.46
N TYR A 145 1.72 6.56 -18.65
CA TYR A 145 0.53 5.75 -18.83
C TYR A 145 0.56 5.13 -20.22
N PRO A 146 0.25 3.84 -20.36
CA PRO A 146 -0.18 2.89 -19.34
C PRO A 146 0.99 2.35 -18.51
N ARG A 147 0.69 1.43 -17.60
CA ARG A 147 1.66 0.97 -16.60
C ARG A 147 2.83 0.21 -17.23
N GLU A 148 2.61 -0.45 -18.37
CA GLU A 148 3.63 -1.31 -18.94
C GLU A 148 4.85 -0.51 -19.36
N ALA A 149 6.03 -0.93 -18.90
CA ALA A 149 7.28 -0.24 -19.23
C ALA A 149 8.44 -1.22 -19.08
N LYS A 150 9.53 -0.93 -19.77
CA LYS A 150 10.72 -1.76 -19.71
C LYS A 150 11.93 -0.90 -19.36
N VAL A 151 12.70 -1.33 -18.37
CA VAL A 151 13.95 -0.68 -18.00
C VAL A 151 15.09 -1.69 -18.17
N GLN A 152 16.08 -1.33 -18.98
CA GLN A 152 17.31 -2.12 -19.15
C GLN A 152 18.48 -1.31 -18.62
N TRP A 153 19.35 -1.98 -17.87
CA TRP A 153 20.55 -1.35 -17.32
C TRP A 153 21.77 -1.80 -18.10
N LYS A 154 22.64 -0.85 -18.44
CA LYS A 154 23.89 -1.14 -19.12
C LYS A 154 25.06 -0.50 -18.37
N VAL A 155 26.13 -1.28 -18.22
CA VAL A 155 27.35 -0.82 -17.55
C VAL A 155 28.48 -1.04 -18.55
N ASP A 156 29.09 0.06 -19.01
CA ASP A 156 30.04 0.04 -20.12
C ASP A 156 29.50 -0.78 -21.30
N ASN A 157 28.22 -0.57 -21.61
CA ASN A 157 27.48 -1.21 -22.68
C ASN A 157 27.22 -2.69 -22.46
N ALA A 158 27.50 -3.22 -21.26
CA ALA A 158 27.19 -4.61 -20.95
C ALA A 158 25.84 -4.68 -20.26
N LEU A 159 24.91 -5.44 -20.84
CA LEU A 159 23.57 -5.54 -20.28
C LEU A 159 23.62 -6.24 -18.92
N GLN A 160 22.92 -5.67 -17.94
CA GLN A 160 22.87 -6.26 -16.61
C GLN A 160 21.65 -7.17 -16.48
N SER A 161 21.82 -8.24 -15.71
CA SER A 161 20.74 -9.18 -15.45
C SER A 161 20.81 -9.63 -14.00
N GLY A 162 19.66 -9.57 -13.31
CA GLY A 162 19.52 -10.14 -11.98
C GLY A 162 19.97 -9.27 -10.83
N ASN A 163 20.44 -8.05 -11.10
CA ASN A 163 20.92 -7.16 -10.05
C ASN A 163 20.15 -5.86 -9.99
N SER A 164 18.91 -5.83 -10.47
CA SER A 164 18.07 -4.65 -10.37
C SER A 164 16.70 -5.06 -9.84
N GLN A 165 16.10 -4.15 -9.09
CA GLN A 165 14.75 -4.34 -8.57
C GLN A 165 13.95 -3.08 -8.87
N GLU A 166 12.65 -3.24 -9.12
CA GLU A 166 11.85 -2.08 -9.43
C GLU A 166 10.57 -2.07 -8.62
N SER A 167 10.03 -0.87 -8.47
CA SER A 167 8.84 -0.64 -7.67
C SER A 167 7.99 0.39 -8.40
N VAL A 168 6.67 0.27 -8.30
CA VAL A 168 5.73 1.11 -9.05
C VAL A 168 4.69 1.68 -8.10
N THR A 169 4.38 2.97 -8.26
CA THR A 169 3.37 3.61 -7.44
C THR A 169 1.97 3.21 -7.88
N GLU A 170 1.00 3.43 -7.01
CA GLU A 170 -0.39 3.27 -7.37
C GLU A 170 -0.77 4.31 -8.41
N GLN A 171 -1.79 3.99 -9.22
CA GLN A 171 -2.27 4.97 -10.19
C GLN A 171 -2.63 6.27 -9.48
N ASP A 172 -2.16 7.39 -10.02
CA ASP A 172 -2.33 8.66 -9.34
C ASP A 172 -3.80 9.07 -9.31
N SER A 173 -4.25 9.53 -8.14
CA SER A 173 -5.65 9.89 -7.94
C SER A 173 -6.06 11.17 -8.67
N LYS A 174 -5.09 11.97 -9.11
CA LYS A 174 -5.42 13.21 -9.82
C LYS A 174 -5.11 13.19 -11.31
N ASP A 175 -4.02 12.57 -11.77
CA ASP A 175 -3.73 12.58 -13.20
C ASP A 175 -3.67 11.19 -13.83
N SER A 176 -3.93 10.13 -13.06
CA SER A 176 -4.11 8.77 -13.56
C SER A 176 -2.82 8.15 -14.14
N THR A 177 -1.64 8.70 -13.80
CA THR A 177 -0.37 8.15 -14.27
C THR A 177 0.26 7.25 -13.22
N TYR A 178 1.32 6.56 -13.65
CA TYR A 178 2.17 5.73 -12.80
C TYR A 178 3.57 6.32 -12.81
N SER A 179 4.34 6.01 -11.76
CA SER A 179 5.77 6.25 -11.74
C SER A 179 6.45 4.96 -11.29
N LEU A 180 7.71 4.82 -11.68
CA LEU A 180 8.46 3.59 -11.45
C LEU A 180 9.88 3.95 -11.08
N SER A 181 10.45 3.23 -10.14
CA SER A 181 11.87 3.36 -9.84
C SER A 181 12.52 2.00 -10.05
N SER A 182 13.67 2.01 -10.71
CA SER A 182 14.50 0.83 -10.83
C SER A 182 15.83 1.12 -10.16
N THR A 183 16.25 0.22 -9.29
CA THR A 183 17.51 0.34 -8.58
C THR A 183 18.43 -0.79 -9.03
N LEU A 184 19.60 -0.41 -9.54
CA LEU A 184 20.67 -1.33 -9.86
C LEU A 184 21.62 -1.36 -8.66
N THR A 185 21.80 -2.52 -8.05
CA THR A 185 22.67 -2.68 -6.89
C THR A 185 23.94 -3.39 -7.30
N LEU A 186 25.08 -2.74 -7.10
CA LEU A 186 26.38 -3.29 -7.38
C LEU A 186 27.21 -3.23 -6.11
N SER A 187 28.19 -4.12 -6.01
CA SER A 187 29.19 -3.91 -5.00
C SER A 187 29.98 -2.66 -5.36
N LYS A 188 30.48 -1.96 -4.34
CA LYS A 188 31.42 -0.87 -4.58
C LYS A 188 32.59 -1.36 -5.42
N ALA A 189 33.08 -2.57 -5.14
CA ALA A 189 34.17 -3.15 -5.90
C ALA A 189 33.85 -3.20 -7.39
N ASP A 190 32.65 -3.68 -7.75
CA ASP A 190 32.28 -3.73 -9.17
C ASP A 190 32.03 -2.33 -9.73
N TYR A 191 31.38 -1.47 -8.95
CA TYR A 191 31.04 -0.13 -9.42
C TYR A 191 32.28 0.64 -9.83
N GLU A 192 33.32 0.55 -9.02
CA GLU A 192 34.55 1.35 -9.28
C GLU A 192 35.37 0.77 -10.44
N LYS A 193 34.93 -0.35 -10.97
CA LYS A 193 35.60 -0.98 -12.10
C LYS A 193 35.08 -0.51 -13.45
N HIS A 194 34.09 0.39 -13.49
CA HIS A 194 33.45 0.73 -14.76
C HIS A 194 33.11 2.20 -14.81
N LYS A 195 32.90 2.68 -16.04
CA LYS A 195 32.78 4.10 -16.36
C LYS A 195 31.35 4.55 -16.63
N VAL A 196 30.70 3.94 -17.63
CA VAL A 196 29.45 4.45 -18.17
C VAL A 196 28.30 3.65 -17.60
N TYR A 197 27.35 4.34 -16.97
CA TYR A 197 26.17 3.72 -16.37
C TYR A 197 24.94 4.30 -17.06
N ALA A 198 24.07 3.41 -17.56
CA ALA A 198 22.99 3.84 -18.42
C ALA A 198 21.70 3.09 -18.11
N CYS A 199 20.62 3.84 -18.08
CA CYS A 199 19.25 3.34 -17.98
C CYS A 199 18.57 3.56 -19.32
N GLU A 200 18.06 2.48 -19.93
CA GLU A 200 17.34 2.55 -21.19
C GLU A 200 15.88 2.18 -20.98
N VAL A 201 14.98 3.06 -21.41
CA VAL A 201 13.56 2.95 -21.11
C VAL A 201 12.77 2.76 -22.40
N THR A 202 11.96 1.70 -22.42
CA THR A 202 11.02 1.42 -23.50
C THR A 202 9.61 1.60 -22.98
N HIS A 203 8.81 2.36 -23.73
CA HIS A 203 7.42 2.60 -23.34
C HIS A 203 6.63 2.93 -24.59
N GLN A 204 5.34 2.59 -24.53
CA GLN A 204 4.45 2.78 -25.66
C GLN A 204 4.40 4.24 -26.12
N GLY A 205 4.60 5.19 -25.21
CA GLY A 205 4.57 6.61 -25.51
C GLY A 205 5.86 7.17 -26.08
N LEU A 206 6.87 6.33 -26.27
CA LEU A 206 8.15 6.74 -26.83
C LEU A 206 8.31 6.07 -28.20
N SER A 207 8.67 6.86 -29.21
CA SER A 207 8.85 6.27 -30.55
C SER A 207 10.08 5.37 -30.61
N SER A 208 11.08 5.64 -29.78
CA SER A 208 12.25 4.77 -29.64
C SER A 208 12.75 4.90 -28.20
N PRO A 209 13.49 3.92 -27.70
CA PRO A 209 13.89 3.92 -26.30
C PRO A 209 14.70 5.17 -25.93
N VAL A 210 14.49 5.63 -24.70
CA VAL A 210 15.20 6.79 -24.16
C VAL A 210 16.29 6.30 -23.23
N THR A 211 17.51 6.79 -23.42
CA THR A 211 18.61 6.45 -22.53
C THR A 211 19.06 7.67 -21.71
N LYS A 212 19.18 7.47 -20.40
CA LYS A 212 19.85 8.42 -19.51
C LYS A 212 21.11 7.78 -18.94
N SER A 213 22.20 8.52 -18.90
CA SER A 213 23.47 7.90 -18.54
C SER A 213 24.34 8.91 -17.80
N PHE A 214 25.33 8.38 -17.08
CA PHE A 214 26.38 9.21 -16.51
C PHE A 214 27.70 8.45 -16.57
N ASN A 215 28.79 9.20 -16.48
CA ASN A 215 30.13 8.67 -16.30
C ASN A 215 30.52 8.76 -14.83
N ARG A 216 31.00 7.64 -14.28
CA ARG A 216 31.34 7.59 -12.86
C ARG A 216 32.32 8.70 -12.49
N GLY A 217 31.95 9.47 -11.46
CA GLY A 217 32.80 10.53 -10.95
C GLY A 217 32.62 11.88 -11.58
N GLU A 218 32.03 11.94 -12.78
CA GLU A 218 31.76 13.22 -13.44
C GLU A 218 30.35 13.69 -13.12
N GLN B 1 -15.73 9.30 17.80
CA GLN B 1 -16.18 8.18 16.94
C GLN B 1 -14.95 7.80 16.11
N SER B 2 -13.97 7.18 16.77
CA SER B 2 -12.70 6.85 16.09
C SER B 2 -12.05 5.58 16.67
N GLU B 3 -11.21 4.91 15.87
CA GLU B 3 -10.50 3.72 16.31
C GLU B 3 -9.01 3.90 16.00
N GLU B 4 -8.16 3.39 16.86
CA GLU B 4 -6.72 3.45 16.61
C GLU B 4 -6.09 2.16 17.09
N GLU B 5 -5.45 1.42 16.20
CA GLU B 5 -4.75 0.20 16.57
C GLU B 5 -3.31 0.49 16.99
N SER B 6 -2.80 -0.36 17.88
CA SER B 6 -1.42 -0.31 18.33
C SER B 6 -0.96 -1.73 18.66
N GLY B 7 0.35 -1.89 18.81
CA GLY B 7 0.92 -3.14 19.25
C GLY B 7 1.61 -3.94 18.16
N GLY B 8 1.45 -3.56 16.90
CA GLY B 8 2.12 -4.22 15.81
C GLY B 8 3.62 -4.06 15.92
N ARG B 9 4.34 -5.16 15.76
CA ARG B 9 5.79 -5.16 15.92
C ARG B 9 6.34 -6.47 15.37
N LEU B 10 7.67 -6.54 15.33
CA LEU B 10 8.37 -7.74 14.93
C LEU B 10 8.41 -8.75 16.08
N VAL B 11 7.94 -9.97 15.83
CA VAL B 11 8.12 -11.06 16.79
C VAL B 11 8.63 -12.29 16.06
N THR B 12 9.34 -13.15 16.79
CA THR B 12 9.71 -14.44 16.24
C THR B 12 8.50 -15.37 16.18
N PRO B 13 8.51 -16.35 15.27
CA PRO B 13 7.43 -17.34 15.24
C PRO B 13 7.23 -17.99 16.60
N GLU B 14 5.96 -18.30 16.89
CA GLU B 14 5.44 -18.92 18.11
C GLU B 14 5.38 -17.97 19.32
N THR B 15 5.95 -16.78 19.18
CA THR B 15 5.89 -15.81 20.27
C THR B 15 4.51 -15.15 20.27
N PRO B 16 3.74 -15.22 21.36
CA PRO B 16 2.43 -14.57 21.36
C PRO B 16 2.54 -13.06 21.29
N LEU B 17 1.51 -12.45 20.70
CA LEU B 17 1.48 -11.01 20.47
C LEU B 17 0.05 -10.52 20.69
N THR B 18 -0.12 -9.41 21.41
CA THR B 18 -1.43 -8.78 21.58
C THR B 18 -1.46 -7.40 20.93
N LEU B 19 -2.46 -7.19 20.06
CA LEU B 19 -2.76 -5.90 19.46
C LEU B 19 -3.92 -5.27 20.20
N THR B 20 -3.94 -3.93 20.25
CA THR B 20 -4.97 -3.17 20.94
C THR B 20 -5.63 -2.20 19.99
N CYS B 21 -6.96 -2.21 19.98
CA CYS B 21 -7.77 -1.25 19.25
C CYS B 21 -8.38 -0.31 20.28
N THR B 22 -7.93 0.94 20.32
CA THR B 22 -8.44 1.90 21.28
C THR B 22 -9.55 2.72 20.63
N ALA B 23 -10.71 2.73 21.28
CA ALA B 23 -11.88 3.42 20.76
C ALA B 23 -12.03 4.77 21.45
N SER B 24 -12.49 5.75 20.69
CA SER B 24 -12.80 7.08 21.20
C SER B 24 -14.20 7.42 20.75
N GLY B 25 -15.05 7.87 21.66
CA GLY B 25 -16.37 8.31 21.24
C GLY B 25 -17.31 7.21 20.81
N ILE B 26 -17.03 5.96 21.20
CA ILE B 26 -17.88 4.82 20.90
C ILE B 26 -18.22 4.10 22.20
N ASP B 27 -19.48 3.69 22.35
CA ASP B 27 -19.89 2.80 23.43
C ASP B 27 -19.79 1.36 22.93
N LEU B 28 -18.76 0.64 23.39
CA LEU B 28 -18.44 -0.66 22.84
C LEU B 28 -19.46 -1.73 23.21
N SER B 29 -20.34 -1.46 24.18
CA SER B 29 -21.42 -2.39 24.47
C SER B 29 -22.52 -2.35 23.43
N LYS B 30 -22.52 -1.36 22.53
CA LYS B 30 -23.60 -1.17 21.58
C LYS B 30 -23.27 -1.66 20.18
N TRP B 31 -22.04 -2.10 19.95
CA TRP B 31 -21.55 -2.43 18.62
C TRP B 31 -20.81 -3.76 18.62
N PRO B 32 -21.07 -4.63 17.65
CA PRO B 32 -20.09 -5.68 17.36
C PRO B 32 -18.83 -5.03 16.84
N MET B 33 -17.68 -5.62 17.17
CA MET B 33 -16.40 -5.12 16.71
C MET B 33 -15.64 -6.22 16.01
N THR B 34 -14.89 -5.86 14.96
CA THR B 34 -14.31 -6.86 14.07
C THR B 34 -12.82 -6.61 13.85
N TRP B 35 -12.06 -7.70 13.73
CA TRP B 35 -10.67 -7.63 13.29
C TRP B 35 -10.52 -8.25 11.90
N VAL B 36 -9.73 -7.56 11.06
CA VAL B 36 -9.47 -7.85 9.66
C VAL B 36 -7.96 -7.72 9.45
N ARG B 37 -7.40 -8.46 8.49
CA ARG B 37 -5.98 -8.25 8.19
C ARG B 37 -5.75 -8.21 6.68
N GLN B 38 -4.58 -7.70 6.30
CA GLN B 38 -4.20 -7.56 4.90
C GLN B 38 -2.70 -7.75 4.78
N ALA B 39 -2.27 -8.85 4.17
CA ALA B 39 -0.84 -9.02 3.94
C ALA B 39 -0.39 -8.08 2.81
N PRO B 40 0.89 -7.70 2.78
CA PRO B 40 1.33 -6.73 1.78
C PRO B 40 0.96 -7.17 0.36
N GLY B 41 0.32 -6.27 -0.38
CA GLY B 41 -0.06 -6.55 -1.74
C GLY B 41 -1.23 -7.48 -1.92
N LYS B 42 -1.88 -7.91 -0.84
CA LYS B 42 -2.93 -8.92 -0.91
C LYS B 42 -4.26 -8.31 -0.47
N GLY B 43 -5.27 -9.15 -0.43
CA GLY B 43 -6.60 -8.68 -0.10
C GLY B 43 -6.87 -8.69 1.40
N LEU B 44 -8.00 -8.10 1.75
CA LEU B 44 -8.48 -8.10 3.14
C LEU B 44 -9.02 -9.47 3.52
N GLU B 45 -8.78 -9.85 4.78
CA GLU B 45 -9.17 -11.16 5.29
C GLU B 45 -9.84 -11.00 6.65
N TRP B 46 -11.06 -11.55 6.78
CA TRP B 46 -11.78 -11.47 8.05
C TRP B 46 -11.17 -12.44 9.06
N ILE B 47 -10.91 -11.95 10.27
CA ILE B 47 -10.34 -12.80 11.34
C ILE B 47 -11.42 -13.18 12.34
N GLY B 48 -12.15 -12.20 12.84
CA GLY B 48 -13.18 -12.56 13.79
C GLY B 48 -13.93 -11.36 14.32
N ILE B 49 -14.84 -11.65 15.26
CA ILE B 49 -15.83 -10.69 15.73
C ILE B 49 -16.07 -10.90 17.22
N ILE B 50 -16.23 -9.80 17.95
CA ILE B 50 -16.76 -9.87 19.31
C ILE B 50 -18.10 -9.13 19.31
N GLY B 51 -19.14 -9.81 19.78
CA GLY B 51 -20.48 -9.28 19.73
C GLY B 51 -20.75 -8.29 20.84
N ARG B 52 -21.98 -7.76 20.82
CA ARG B 52 -22.34 -6.68 21.74
C ARG B 52 -22.11 -7.08 23.20
N SER B 53 -22.51 -8.28 23.57
CA SER B 53 -22.40 -8.70 24.96
C SER B 53 -21.12 -9.46 25.27
N GLY B 54 -20.23 -9.66 24.29
CA GLY B 54 -18.95 -10.27 24.54
C GLY B 54 -18.73 -11.64 23.94
N SER B 55 -19.74 -12.27 23.34
CA SER B 55 -19.50 -13.53 22.67
C SER B 55 -18.63 -13.31 21.44
N THR B 56 -17.91 -14.37 21.04
CA THR B 56 -16.93 -14.24 19.96
C THR B 56 -17.14 -15.31 18.89
N ASN B 57 -16.70 -14.97 17.68
CA ASN B 57 -16.66 -15.93 16.60
C ASN B 57 -15.43 -15.63 15.74
N TYR B 58 -14.94 -16.65 15.04
CA TYR B 58 -13.68 -16.54 14.31
C TYR B 58 -13.77 -17.25 12.96
N ALA B 59 -12.84 -16.89 12.08
CA ALA B 59 -12.77 -17.53 10.78
C ALA B 59 -12.36 -18.98 10.97
N SER B 60 -12.90 -19.85 10.11
CA SER B 60 -12.55 -21.27 10.15
C SER B 60 -11.05 -21.45 10.01
N TRP B 61 -10.39 -20.63 9.20
CA TRP B 61 -8.97 -20.82 8.96
C TRP B 61 -8.12 -20.47 10.18
N ALA B 62 -8.67 -19.76 11.16
CA ALA B 62 -7.85 -19.26 12.28
C ALA B 62 -7.41 -20.37 13.23
N LYS B 63 -8.19 -21.46 13.31
CA LYS B 63 -7.82 -22.62 14.14
C LYS B 63 -7.48 -22.22 15.59
N GLY B 64 -8.29 -21.38 16.21
CA GLY B 64 -8.12 -21.04 17.63
C GLY B 64 -6.89 -20.23 17.97
N ARG B 65 -6.17 -19.74 16.96
CA ARG B 65 -4.95 -18.99 17.20
C ARG B 65 -5.18 -17.52 17.53
N PHE B 66 -6.41 -17.04 17.39
CA PHE B 66 -6.75 -15.66 17.65
C PHE B 66 -7.84 -15.59 18.71
N THR B 67 -7.66 -14.68 19.66
CA THR B 67 -8.64 -14.42 20.71
C THR B 67 -8.93 -12.93 20.77
N ILE B 68 -10.19 -12.57 20.62
CA ILE B 68 -10.64 -11.19 20.76
C ILE B 68 -11.28 -11.00 22.12
N SER B 69 -10.98 -9.87 22.75
CA SER B 69 -11.64 -9.54 24.01
C SER B 69 -11.85 -8.03 24.02
N LYS B 70 -12.66 -7.53 24.95
CA LYS B 70 -12.83 -6.08 24.98
C LYS B 70 -13.02 -5.60 26.40
N THR B 71 -12.76 -4.30 26.57
CA THR B 71 -13.06 -3.51 27.76
C THR B 71 -14.06 -2.43 27.34
N SER B 72 -14.28 -1.44 28.22
CA SER B 72 -15.16 -0.34 27.83
C SER B 72 -14.50 0.62 26.86
N THR B 73 -13.18 0.58 26.68
CA THR B 73 -12.51 1.49 25.77
C THR B 73 -11.60 0.82 24.76
N THR B 74 -11.41 -0.50 24.82
CA THR B 74 -10.46 -1.17 23.94
C THR B 74 -11.01 -2.50 23.47
N VAL B 75 -10.49 -2.95 22.32
CA VAL B 75 -10.69 -4.31 21.81
C VAL B 75 -9.33 -4.91 21.51
N ASP B 76 -9.02 -6.06 22.11
CA ASP B 76 -7.74 -6.71 21.92
C ASP B 76 -7.86 -7.85 20.94
N LEU B 77 -6.76 -8.08 20.20
CA LEU B 77 -6.56 -9.28 19.40
C LEU B 77 -5.28 -9.96 19.90
N LYS B 78 -5.40 -11.14 20.49
CA LYS B 78 -4.24 -11.91 20.91
C LYS B 78 -3.99 -13.03 19.92
N MET B 79 -2.77 -13.09 19.39
CA MET B 79 -2.36 -14.10 18.42
C MET B 79 -1.34 -15.02 19.10
N THR B 80 -1.61 -16.33 19.10
CA THR B 80 -0.86 -17.19 20.02
C THR B 80 0.31 -17.96 19.42
N SER B 81 0.18 -18.54 18.23
CA SER B 81 1.29 -19.27 17.60
C SER B 81 1.57 -18.67 16.23
N PRO B 82 2.04 -17.41 16.19
CA PRO B 82 2.22 -16.75 14.89
C PRO B 82 3.27 -17.46 14.06
N THR B 83 3.05 -17.45 12.76
CA THR B 83 4.00 -17.92 11.76
C THR B 83 4.25 -16.80 10.77
N THR B 84 5.22 -16.99 9.86
CA THR B 84 5.54 -15.96 8.88
C THR B 84 4.33 -15.62 8.02
N GLU B 85 3.40 -16.54 7.86
CA GLU B 85 2.20 -16.23 7.07
C GLU B 85 1.24 -15.31 7.81
N ASP B 86 1.54 -14.93 9.04
CA ASP B 86 0.69 -13.98 9.75
C ASP B 86 1.19 -12.54 9.63
N THR B 87 2.27 -12.32 8.88
CA THR B 87 2.74 -10.97 8.63
C THR B 87 1.71 -10.20 7.81
N ALA B 88 1.29 -9.05 8.33
CA ALA B 88 0.17 -8.31 7.70
C ALA B 88 -0.06 -7.02 8.48
N THR B 89 -0.85 -6.14 7.89
CA THR B 89 -1.44 -5.03 8.63
C THR B 89 -2.78 -5.49 9.19
N TYR B 90 -3.01 -5.25 10.46
CA TYR B 90 -4.22 -5.67 11.15
C TYR B 90 -5.05 -4.43 11.43
N PHE B 91 -6.33 -4.50 11.08
CA PHE B 91 -7.31 -3.43 11.24
C PHE B 91 -8.40 -3.85 12.22
N CYS B 92 -8.80 -2.94 13.07
CA CYS B 92 -10.05 -3.10 13.77
C CYS B 92 -11.11 -2.21 13.13
N ALA B 93 -12.36 -2.67 13.18
CA ALA B 93 -13.46 -1.98 12.51
C ALA B 93 -14.70 -2.08 13.36
N ARG B 94 -15.54 -1.05 13.27
CA ARG B 94 -16.80 -1.06 13.99
C ARG B 94 -17.89 -1.65 13.11
N GLY B 95 -18.62 -2.64 13.65
CA GLY B 95 -19.71 -3.28 12.94
C GLY B 95 -19.62 -4.79 12.96
N GLY B 96 -20.76 -5.45 12.81
CA GLY B 96 -20.82 -6.89 12.64
C GLY B 96 -21.24 -7.34 11.25
N SER B 97 -22.31 -6.74 10.70
CA SER B 97 -22.73 -7.01 9.33
C SER B 97 -21.86 -6.29 8.32
N TYR B 98 -21.53 -5.03 8.62
CA TYR B 98 -20.75 -4.19 7.73
C TYR B 98 -19.98 -3.21 8.59
N TYR B 99 -18.96 -2.57 7.99
CA TYR B 99 -17.93 -1.83 8.73
C TYR B 99 -17.94 -0.38 8.32
N ASP B 100 -18.38 0.49 9.24
CA ASP B 100 -18.47 1.90 8.92
C ASP B 100 -17.28 2.72 9.43
N LEU B 101 -16.61 2.28 10.49
CA LEU B 101 -15.46 2.97 11.06
C LEU B 101 -14.29 2.01 11.10
N TRP B 102 -13.10 2.50 10.75
CA TRP B 102 -11.88 1.72 10.69
C TRP B 102 -10.74 2.44 11.38
N GLY B 103 -9.84 1.66 12.01
CA GLY B 103 -8.56 2.22 12.39
C GLY B 103 -7.63 2.35 11.19
N GLN B 104 -6.45 2.93 11.42
CA GLN B 104 -5.45 3.09 10.38
C GLN B 104 -4.64 1.82 10.13
N GLY B 105 -4.72 0.85 11.03
CA GLY B 105 -4.02 -0.42 10.97
C GLY B 105 -2.70 -0.41 11.73
N THR B 106 -2.28 -1.59 12.15
CA THR B 106 -0.99 -1.76 12.80
C THR B 106 -0.27 -2.94 12.18
N LEU B 107 1.03 -2.82 11.98
CA LEU B 107 1.75 -3.77 11.13
C LEU B 107 2.46 -4.79 12.01
N VAL B 108 2.14 -6.07 11.80
CA VAL B 108 2.78 -7.19 12.50
C VAL B 108 3.72 -7.88 11.52
N THR B 109 4.95 -8.16 11.97
CA THR B 109 5.95 -8.87 11.19
C THR B 109 6.37 -10.09 11.99
N VAL B 110 6.26 -11.26 11.39
CA VAL B 110 6.67 -12.50 12.06
C VAL B 110 7.89 -13.02 11.30
N SER B 111 9.05 -12.99 11.97
CA SER B 111 10.29 -13.33 11.30
C SER B 111 11.35 -13.58 12.35
N SER B 112 12.35 -14.39 11.99
CA SER B 112 13.49 -14.61 12.85
C SER B 112 14.59 -13.58 12.63
N ALA B 113 14.46 -12.70 11.64
CA ALA B 113 15.50 -11.73 11.33
C ALA B 113 15.51 -10.61 12.38
N SER B 114 16.64 -9.90 12.42
CA SER B 114 16.86 -8.85 13.42
C SER B 114 16.39 -7.49 12.91
N THR B 115 16.01 -6.62 13.85
CA THR B 115 15.75 -5.22 13.54
C THR B 115 17.01 -4.54 13.02
N LYS B 116 16.86 -3.77 11.94
CA LYS B 116 17.96 -2.95 11.42
C LYS B 116 17.41 -1.61 10.95
N GLY B 117 18.04 -0.52 11.38
CA GLY B 117 17.67 0.80 10.94
C GLY B 117 18.29 1.12 9.59
N PRO B 118 17.64 2.00 8.84
CA PRO B 118 18.08 2.30 7.48
C PRO B 118 19.24 3.29 7.47
N SER B 119 19.95 3.29 6.34
CA SER B 119 20.77 4.42 5.96
C SER B 119 19.99 5.26 4.95
N VAL B 120 20.20 6.58 4.98
CA VAL B 120 19.48 7.49 4.11
C VAL B 120 20.50 8.20 3.22
N PHE B 121 20.35 8.05 1.91
CA PHE B 121 21.27 8.62 0.93
C PHE B 121 20.54 9.56 -0.01
N PRO B 122 21.19 10.62 -0.46
CA PRO B 122 20.54 11.55 -1.38
C PRO B 122 20.49 11.01 -2.80
N LEU B 123 19.41 11.36 -3.49
CA LEU B 123 19.31 11.22 -4.93
C LEU B 123 19.39 12.67 -5.41
N ALA B 124 20.60 13.08 -5.79
CA ALA B 124 20.89 14.50 -5.96
C ALA B 124 20.34 15.00 -7.28
N PRO B 125 19.66 16.15 -7.29
CA PRO B 125 19.15 16.70 -8.55
C PRO B 125 20.31 16.93 -9.51
N SER B 126 20.12 16.49 -10.74
CA SER B 126 21.17 16.62 -11.74
C SER B 126 21.55 18.09 -11.92
N SER B 127 22.86 18.32 -11.98
CA SER B 127 23.36 19.67 -12.21
C SER B 127 23.06 20.14 -13.63
N LYS B 128 22.83 19.21 -14.57
CA LYS B 128 22.75 19.58 -15.96
C LYS B 128 21.68 18.79 -16.72
N SER B 129 20.69 18.21 -16.05
CA SER B 129 19.72 17.36 -16.72
C SER B 129 18.31 17.67 -16.25
N THR B 130 17.44 17.96 -17.20
CA THR B 130 16.02 18.18 -16.96
C THR B 130 15.21 17.32 -17.92
N SER B 131 13.96 17.04 -17.56
CA SER B 131 13.06 16.31 -18.44
C SER B 131 11.76 17.08 -18.65
N GLY B 132 11.86 18.36 -18.99
CA GLY B 132 10.66 19.18 -19.06
C GLY B 132 10.58 20.44 -18.21
N GLY B 133 11.71 21.13 -17.99
CA GLY B 133 11.74 22.27 -17.08
C GLY B 133 11.67 21.85 -15.64
N THR B 134 11.61 20.55 -15.40
CA THR B 134 11.43 19.93 -14.11
C THR B 134 12.71 19.17 -13.79
N ALA B 135 13.18 19.33 -12.56
CA ALA B 135 14.23 18.47 -12.03
C ALA B 135 13.60 17.45 -11.10
N ALA B 136 14.35 16.38 -10.83
CA ALA B 136 13.94 15.37 -9.87
C ALA B 136 15.03 15.19 -8.83
N LEU B 137 14.60 14.98 -7.59
CA LEU B 137 15.55 14.70 -6.52
C LEU B 137 14.85 13.74 -5.57
N GLY B 138 15.61 13.17 -4.64
CA GLY B 138 14.94 12.25 -3.74
C GLY B 138 15.85 11.78 -2.64
N CYS B 139 15.36 10.78 -1.91
CA CYS B 139 16.12 10.07 -0.89
C CYS B 139 15.95 8.58 -1.07
N LEU B 140 17.05 7.85 -0.91
CA LEU B 140 17.05 6.39 -0.91
C LEU B 140 17.19 5.94 0.53
N VAL B 141 16.23 5.13 0.99
CA VAL B 141 16.16 4.65 2.37
C VAL B 141 16.48 3.16 2.30
N LYS B 142 17.71 2.80 2.66
CA LYS B 142 18.23 1.49 2.30
C LYS B 142 18.51 0.64 3.53
N ASP B 143 18.21 -0.67 3.41
CA ASP B 143 18.63 -1.72 4.34
C ASP B 143 18.02 -1.56 5.73
N TYR B 144 16.69 -1.68 5.78
CA TYR B 144 15.99 -1.65 7.05
C TYR B 144 15.09 -2.87 7.20
N PHE B 145 14.79 -3.17 8.47
CA PHE B 145 13.89 -4.25 8.85
C PHE B 145 13.41 -4.03 10.26
N PRO B 146 12.12 -4.28 10.55
CA PRO B 146 11.03 -4.63 9.64
C PRO B 146 10.44 -3.40 8.97
N GLU B 147 9.36 -3.56 8.22
CA GLU B 147 8.55 -2.44 7.85
C GLU B 147 7.84 -1.88 9.09
N PRO B 148 7.41 -0.62 9.07
CA PRO B 148 7.48 0.36 7.97
C PRO B 148 8.47 1.48 8.20
N VAL B 149 8.76 2.22 7.15
CA VAL B 149 9.37 3.53 7.26
C VAL B 149 8.37 4.56 6.76
N THR B 150 8.46 5.76 7.30
CA THR B 150 7.71 6.87 6.74
C THR B 150 8.67 7.93 6.23
N VAL B 151 8.26 8.59 5.14
CA VAL B 151 9.02 9.67 4.53
C VAL B 151 8.09 10.85 4.31
N SER B 152 8.51 12.01 4.76
CA SER B 152 7.86 13.25 4.38
C SER B 152 8.94 14.17 3.81
N TRP B 153 8.49 15.27 3.21
CA TRP B 153 9.39 16.27 2.64
C TRP B 153 9.09 17.61 3.28
N ASN B 154 10.13 18.28 3.78
CA ASN B 154 10.01 19.57 4.45
C ASN B 154 8.92 19.54 5.54
N SER B 155 8.97 18.49 6.36
CA SER B 155 8.07 18.31 7.50
C SER B 155 6.60 18.26 7.09
N GLY B 156 6.33 17.77 5.89
CA GLY B 156 4.97 17.63 5.41
C GLY B 156 4.46 18.82 4.61
N ALA B 157 5.23 19.89 4.50
CA ALA B 157 4.81 21.07 3.75
C ALA B 157 4.90 20.85 2.25
N LEU B 158 5.78 19.94 1.80
CA LEU B 158 5.96 19.66 0.38
C LEU B 158 5.29 18.32 0.08
N THR B 159 4.21 18.37 -0.68
CA THR B 159 3.47 17.15 -1.03
C THR B 159 3.29 17.01 -2.52
N SER B 160 3.15 18.13 -3.23
CA SER B 160 2.94 18.08 -4.68
C SER B 160 4.19 17.56 -5.38
N GLY B 161 3.99 16.64 -6.31
CA GLY B 161 5.09 16.06 -7.04
C GLY B 161 5.85 14.96 -6.33
N VAL B 162 5.43 14.61 -5.11
CA VAL B 162 6.13 13.58 -4.34
C VAL B 162 5.62 12.20 -4.76
N HIS B 163 6.55 11.28 -5.02
CA HIS B 163 6.26 9.85 -5.17
C HIS B 163 7.13 9.07 -4.20
N THR B 164 6.51 8.47 -3.21
CA THR B 164 7.20 7.56 -2.31
C THR B 164 6.86 6.15 -2.74
N PHE B 165 7.87 5.42 -3.22
CA PHE B 165 7.63 4.11 -3.83
C PHE B 165 7.41 3.04 -2.78
N PRO B 166 6.67 1.99 -3.13
CA PRO B 166 6.55 0.85 -2.22
C PRO B 166 7.92 0.27 -1.94
N ALA B 167 8.10 -0.19 -0.71
CA ALA B 167 9.34 -0.86 -0.32
C ALA B 167 9.51 -2.14 -1.14
N VAL B 168 10.77 -2.44 -1.48
CA VAL B 168 11.14 -3.70 -2.09
C VAL B 168 11.93 -4.52 -1.09
N LEU B 169 11.62 -5.80 -1.00
CA LEU B 169 12.42 -6.74 -0.21
C LEU B 169 13.63 -7.18 -1.04
N GLN B 170 14.82 -6.89 -0.52
CA GLN B 170 16.06 -7.28 -1.19
C GLN B 170 16.41 -8.74 -0.88
N SER B 171 17.40 -9.26 -1.62
CA SER B 171 17.84 -10.63 -1.43
C SER B 171 18.41 -10.84 -0.04
N SER B 172 18.95 -9.77 0.56
CA SER B 172 19.45 -9.79 1.93
C SER B 172 18.34 -9.95 2.96
N GLY B 173 17.08 -9.83 2.56
CA GLY B 173 16.00 -9.78 3.51
C GLY B 173 15.74 -8.41 4.12
N LEU B 174 16.49 -7.39 3.72
CA LEU B 174 16.24 -6.03 4.19
C LEU B 174 15.44 -5.28 3.15
N TYR B 175 14.68 -4.28 3.60
CA TYR B 175 13.89 -3.45 2.71
C TYR B 175 14.69 -2.25 2.24
N SER B 176 14.33 -1.76 1.06
CA SER B 176 14.79 -0.46 0.59
C SER B 176 13.61 0.25 -0.05
N LEU B 177 13.59 1.58 0.04
CA LEU B 177 12.62 2.31 -0.75
C LEU B 177 13.18 3.67 -1.11
N SER B 178 12.67 4.21 -2.20
CA SER B 178 13.04 5.55 -2.64
C SER B 178 11.83 6.47 -2.56
N SER B 179 12.09 7.73 -2.21
CA SER B 179 11.07 8.76 -2.27
C SER B 179 11.63 9.87 -3.14
N VAL B 180 10.85 10.32 -4.12
CA VAL B 180 11.34 11.31 -5.06
C VAL B 180 10.33 12.44 -5.11
N VAL B 181 10.81 13.58 -5.58
CA VAL B 181 9.94 14.71 -5.83
C VAL B 181 10.46 15.40 -7.09
N THR B 182 9.53 15.82 -7.93
CA THR B 182 9.83 16.67 -9.08
C THR B 182 9.54 18.12 -8.70
N VAL B 183 10.48 18.99 -9.02
CA VAL B 183 10.41 20.42 -8.63
C VAL B 183 10.90 21.26 -9.77
N PRO B 184 10.59 22.55 -9.78
CA PRO B 184 11.11 23.42 -10.83
C PRO B 184 12.64 23.47 -10.77
N SER B 185 13.27 23.35 -11.94
CA SER B 185 14.73 23.41 -11.98
C SER B 185 15.23 24.74 -11.43
N SER B 186 14.50 25.82 -11.73
CA SER B 186 14.89 27.16 -11.26
C SER B 186 14.94 27.26 -9.74
N SER B 187 14.25 26.37 -9.02
CA SER B 187 14.22 26.41 -7.56
C SER B 187 15.43 25.76 -6.90
N LEU B 188 16.26 25.05 -7.67
CA LEU B 188 17.31 24.22 -7.05
C LEU B 188 18.29 25.08 -6.26
N GLY B 189 18.61 26.28 -6.76
CA GLY B 189 19.55 27.13 -6.04
C GLY B 189 18.98 27.68 -4.74
N THR B 190 17.70 28.03 -4.73
CA THR B 190 17.12 28.82 -3.65
C THR B 190 16.33 28.01 -2.63
N GLN B 191 15.72 26.91 -3.04
CA GLN B 191 14.81 26.17 -2.16
C GLN B 191 15.53 25.02 -1.47
N THR B 192 15.24 24.85 -0.18
CA THR B 192 15.78 23.76 0.60
C THR B 192 14.85 22.56 0.55
N TYR B 193 15.41 21.39 0.29
CA TYR B 193 14.65 20.14 0.25
C TYR B 193 15.24 19.18 1.27
N ILE B 194 14.43 18.80 2.25
CA ILE B 194 14.84 17.90 3.32
C ILE B 194 13.84 16.74 3.35
N CYS B 195 14.37 15.52 3.33
CA CYS B 195 13.51 14.36 3.49
C CYS B 195 13.57 13.92 4.95
N ASN B 196 12.39 13.76 5.54
CA ASN B 196 12.25 13.37 6.94
C ASN B 196 11.88 11.89 6.98
N VAL B 197 12.82 11.07 7.44
CA VAL B 197 12.69 9.62 7.43
C VAL B 197 12.54 9.14 8.86
N ASN B 198 11.56 8.28 9.11
CA ASN B 198 11.39 7.69 10.44
C ASN B 198 11.22 6.19 10.31
N HIS B 199 12.06 5.44 11.02
CA HIS B 199 11.95 3.98 11.16
C HIS B 199 11.77 3.75 12.67
N LYS B 200 10.51 3.82 13.12
CA LYS B 200 10.22 3.63 14.53
C LYS B 200 10.70 2.28 15.07
N PRO B 201 10.64 1.17 14.33
CA PRO B 201 11.10 -0.10 14.91
C PRO B 201 12.54 -0.08 15.36
N SER B 202 13.37 0.82 14.85
CA SER B 202 14.76 0.93 15.29
C SER B 202 15.06 2.26 15.94
N ASN B 203 14.02 3.06 16.23
CA ASN B 203 14.20 4.41 16.77
C ASN B 203 15.18 5.20 15.92
N THR B 204 15.05 5.08 14.59
CA THR B 204 15.91 5.81 13.67
C THR B 204 15.13 6.97 13.07
N LYS B 205 15.66 8.18 13.23
CA LYS B 205 15.01 9.37 12.71
C LYS B 205 16.09 10.21 12.04
N VAL B 206 15.91 10.50 10.75
CA VAL B 206 16.93 11.17 9.95
C VAL B 206 16.27 12.27 9.15
N ASP B 207 16.84 13.48 9.21
CA ASP B 207 16.42 14.58 8.35
C ASP B 207 17.57 14.91 7.42
N LYS B 208 17.44 14.56 6.15
CA LYS B 208 18.54 14.60 5.20
C LYS B 208 18.29 15.69 4.17
N LYS B 209 19.22 16.66 4.09
CA LYS B 209 19.12 17.74 3.12
C LYS B 209 19.68 17.29 1.78
N VAL B 210 18.88 17.44 0.71
CA VAL B 210 19.24 16.96 -0.62
C VAL B 210 19.53 18.17 -1.48
N GLU B 211 20.70 18.20 -2.11
CA GLU B 211 21.12 19.38 -2.85
C GLU B 211 21.98 18.95 -4.02
N PRO B 212 22.14 19.81 -5.04
CA PRO B 212 22.96 19.43 -6.19
C PRO B 212 24.42 19.17 -5.79
N LYS B 213 25.06 18.30 -6.54
CA LYS B 213 26.45 17.96 -6.28
C LYS B 213 27.39 18.97 -6.92
N SER B 214 28.48 19.26 -6.24
CA SER B 214 29.47 20.22 -6.73
C SER B 214 30.44 19.56 -7.70
N HIS C 2 -28.87 -18.38 25.47
CA HIS C 2 -28.02 -17.28 25.05
C HIS C 2 -28.77 -16.10 24.42
N HIS C 3 -28.06 -15.27 23.66
CA HIS C 3 -28.70 -14.12 22.99
C HIS C 3 -28.93 -14.46 21.53
N PRO C 4 -29.99 -13.95 20.88
CA PRO C 4 -30.16 -14.15 19.45
C PRO C 4 -28.88 -13.74 18.72
N MET C 5 -28.45 -14.57 17.77
CA MET C 5 -27.25 -14.28 16.97
C MET C 5 -27.29 -12.85 16.40
N THR C 6 -28.45 -12.41 15.93
CA THR C 6 -28.54 -11.10 15.26
C THR C 6 -28.24 -9.95 16.20
N GLU C 7 -28.72 -10.02 17.45
CA GLU C 7 -28.52 -8.92 18.43
C GLU C 7 -27.06 -8.87 18.89
N GLU C 8 -26.33 -9.95 18.77
CA GLU C 8 -24.94 -10.10 19.16
C GLU C 8 -24.00 -9.68 18.05
N PHE C 9 -24.22 -10.26 16.86
CA PHE C 9 -23.23 -10.21 15.78
C PHE C 9 -23.62 -9.37 14.56
N LYS C 10 -24.89 -9.09 14.34
CA LYS C 10 -25.26 -8.28 13.19
C LYS C 10 -25.53 -6.82 13.63
N ASN C 11 -25.60 -5.89 12.69
CA ASN C 11 -26.07 -4.58 13.11
C ASN C 11 -27.15 -4.16 12.16
#